data_9PF6
#
_entry.id   9PF6
#
_cell.length_a   68.847
_cell.length_b   68.850
_cell.length_c   69.175
_cell.angle_alpha   105.479
_cell.angle_beta   96.061
_cell.angle_gamma   95.902
#
_symmetry.space_group_name_H-M   'P 1'
#
loop_
_entity.id
_entity.type
_entity.pdbx_description
1 polymer "DNA (5'-D(*GP*AP*GP*CP*GP*AP*CP*CP*TP*GP*TP*AP*CP*GP*GP*AP*CP*AP*TP*CP*A)-3')"
2 polymer "DNA (5'-D(*TP*GP*CP*GP*TP*AP*GP*TP*GP*GP*TP*CP*GP*C)-3')"
3 polymer "DNA (5'-D(*TP*CP*TP*GP*AP*TP*GP*TP*GP*GP*TP*AP*GP*G)-3')"
4 polymer "DNA (5'-D(*AP*AP*CP*CP*TP*AP*CP*CP*TP*GP*GP*CP*AP*GP*GP*AP*CP*GP*AP*CP*T)-3')"
5 polymer "DNA (5'-D(*TP*TP*AP*GP*TP*CP*GP*TP*GP*GP*TP*AP*TP*C)-3')"
6 polymer "DNA (5'-D(*CP*AP*GP*AP*TP*AP*CP*CP*TP*GP*AP*TP*CP*GP*GP*AP*CP*TP*AP*CP*G)-3')"
7 polymer "DNA (5'-D(*CP*AP*CP*CP*GP*AP*TP*CP*AP*CP*CP*TP*GP*CP*CP*AP*C)-3')"
#
loop_
_entity_poly.entity_id
_entity_poly.type
_entity_poly.pdbx_seq_one_letter_code
_entity_poly.pdbx_strand_id
1 'polydeoxyribonucleotide'
;(DG)(DA)(DG)(DC)(DG)(DA)(DC)(DC)(DT)(DG)(DT)(DA)(DC)(DG)(DG)(DA)(DC)(DA)(DT)(DC)
(DA)
;
A
2 'polydeoxyribonucleotide' (DT)(DG)(DC)(DG)(DT)(DA)(DG)(DT)(DG)(DG)(DT)(DC)(DG)(DC) E
3 'polydeoxyribonucleotide' (DT)(DC)(DT)(DG)(DA)(DT)(DG)(DT)(DG)(DG)(DT)(DA)(DG)(DG) D
4 'polydeoxyribonucleotide'
;(DA)(DA)(DC)(DC)(DT)(DA)(DC)(DC)(DT)(DG)(DG)(DC)(DA)(DG)(DG)(DA)(DC)(DG)(DA)(DC)
(DT)
;
B
5 'polydeoxyribonucleotide' (DT)(DT)(DA)(DG)(DT)(DC)(DG)(DT)(DG)(DG)(DT)(DA)(DT)(DC) F
6 'polydeoxyribonucleotide'
;(DC)(DA)(DG)(DA)(DT)(DA)(DC)(DC)(DT)(DG)(DA)(DT)(DC)(DG)(DG)(DA)(DC)(DT)(DA)(DC)
(DG)
;
C
7 'polydeoxyribonucleotide' (DC)(DA)(DC)(DC)(DG)(DA)(DT)(DC)(DA)(DC)(DC)(DT)(DG)(DC)(DC)(DA)(DC) M
#
loop_
_chem_comp.id
_chem_comp.type
_chem_comp.name
_chem_comp.formula
DA DNA linking 2'-DEOXYADENOSINE-5'-MONOPHOSPHATE 'C10 H14 N5 O6 P'
DC DNA linking 2'-DEOXYCYTIDINE-5'-MONOPHOSPHATE 'C9 H14 N3 O7 P'
DG DNA linking 2'-DEOXYGUANOSINE-5'-MONOPHOSPHATE 'C10 H14 N5 O7 P'
DT DNA linking THYMIDINE-5'-MONOPHOSPHATE 'C10 H15 N2 O8 P'
#